data_9NOY
#
_entry.id   9NOY
#
_cell.length_a   1.00
_cell.length_b   1.00
_cell.length_c   1.00
_cell.angle_alpha   90.00
_cell.angle_beta   90.00
_cell.angle_gamma   90.00
#
_symmetry.space_group_name_H-M   'P 1'
#
_entity_poly.entity_id   1
_entity_poly.type   'polypeptide(L)'
_entity_poly.pdbx_seq_one_letter_code
;MKTIIALSYIFCLVFAYPYDVPDYAAAAEPAENSDFYLPGDYLLGGLFSLHANMKGIVHLNFLQVPMCKEYEVKVIGYNL
MQAMRFAVEEINNDSSLLPGVLLGYEIVDVCYISNNVQPVLYFLAHEDNLLPIQEDYSNYISRVVAVIGPDNSESVMTVA
NFLSLFLLPQITYSAISDELRDKVRFPALLRTTPSADHHIEAMVQLMLHFRWNWIIVLVSSDTYGRDNGQLLGERVARRD
ICIAFQETLPTLQPNQNMTSEERQRLVTIVDKLQQSTARVVVVFSPDLTLYHFFNEVLRQNFTGAVWIASESWAIDPVLH
NLTELRHLGTFLGITIQSVPIPGFSEFREWGPQAGPPPLSRTSQSYTCNQECDNCLNATLSFNTILRLSGERVVYSVYSA
VYAVAHALHSLLGCDKSTCTKRVVYPWQLLEEIWKVNFTLLDHQIFFDPQGDVALHLEIVQWQWDRSQNPFQSVASYYPL
QRQLKNIQDISWHTINNTIPMSMCSKRCQSGQKKKPVGIHVCCFECIDCLPGTFLNHTEDEYECQACPNNEWSYQSETSC
FKRQLVFLEWHEAPTIAVALLAALGFLSTLAILVIFWRHFQTPIVRSAGGPMCFLMLTLLLVAYMVVPVYVGPPKVSTCL
CRQALFPLCFTICISCIAVRSFQIVCAFKMASRFPRAYSYWVRYQGPYVSMAFITVLKMVIVVIGMLATGLSPTTRTDPD
DPKITIVSCNPNYRNSLLFNTSLDLLLSVVGFSFAYMGKELPTNYNEAKFITLSMTFYFTSSVSLCTFMSAYSGVLVTIV
DLLVTVLNLLAISLGYFGPKCYMILFYPERNTPAYFNSMIQGYTMRRD
;
_entity_poly.pdbx_strand_id   A
#
# COMPACT_ATOMS: atom_id res chain seq x y z
N LEU A 568 24.90 -7.52 -13.06
CA LEU A 568 23.80 -6.57 -13.18
C LEU A 568 24.35 -5.21 -13.59
N GLU A 569 24.53 -5.02 -14.89
CA GLU A 569 25.29 -3.88 -15.39
C GLU A 569 24.50 -2.58 -15.25
N TRP A 570 25.23 -1.51 -14.98
CA TRP A 570 24.63 -0.17 -14.89
C TRP A 570 24.14 0.33 -16.25
N HIS A 571 24.83 -0.04 -17.33
CA HIS A 571 24.43 0.35 -18.67
C HIS A 571 23.88 -0.87 -19.39
N GLU A 572 22.58 -1.09 -19.28
CA GLU A 572 21.91 -2.22 -19.89
C GLU A 572 20.43 -1.88 -19.95
N ALA A 573 19.77 -2.19 -21.08
CA ALA A 573 18.51 -1.55 -21.41
C ALA A 573 17.42 -1.71 -20.35
N PRO A 574 17.13 -2.92 -19.83
CA PRO A 574 16.17 -2.99 -18.72
C PRO A 574 16.54 -2.16 -17.50
N THR A 575 17.82 -2.14 -17.11
CA THR A 575 18.17 -1.43 -15.88
C THR A 575 17.96 0.07 -16.02
N ILE A 576 18.13 0.61 -17.23
CA ILE A 576 17.85 2.02 -17.45
C ILE A 576 16.36 2.30 -17.28
N ALA A 577 15.51 1.45 -17.85
CA ALA A 577 14.07 1.69 -17.80
C ALA A 577 13.53 1.62 -16.38
N VAL A 578 13.98 0.62 -15.60
CA VAL A 578 13.51 0.53 -14.22
C VAL A 578 14.03 1.71 -13.41
N ALA A 579 15.26 2.14 -13.69
CA ALA A 579 15.80 3.30 -12.98
C ALA A 579 14.98 4.55 -13.24
N LEU A 580 14.64 4.81 -14.50
CA LEU A 580 13.83 5.99 -14.79
C LEU A 580 12.42 5.85 -14.24
N LEU A 581 11.88 4.63 -14.22
CA LEU A 581 10.55 4.42 -13.65
C LEU A 581 10.56 4.65 -12.15
N ALA A 582 11.63 4.22 -11.48
CA ALA A 582 11.76 4.50 -10.05
C ALA A 582 11.92 5.99 -9.78
N ALA A 583 12.66 6.69 -10.65
CA ALA A 583 12.74 8.15 -10.53
C ALA A 583 11.38 8.79 -10.70
N LEU A 584 10.59 8.31 -11.66
CA LEU A 584 9.23 8.80 -11.83
C LEU A 584 8.39 8.56 -10.58
N GLY A 585 8.48 7.36 -10.00
CA GLY A 585 7.73 7.08 -8.79
C GLY A 585 8.16 7.96 -7.63
N PHE A 586 9.46 8.18 -7.49
CA PHE A 586 9.97 9.05 -6.43
C PHE A 586 9.45 10.48 -6.61
N LEU A 587 9.51 11.00 -7.84
CA LEU A 587 9.01 12.35 -8.08
C LEU A 587 7.51 12.45 -7.81
N SER A 588 6.75 11.44 -8.24
CA SER A 588 5.31 11.47 -7.99
C SER A 588 5.01 11.43 -6.51
N THR A 589 5.71 10.58 -5.75
CA THR A 589 5.47 10.52 -4.31
C THR A 589 5.85 11.82 -3.62
N LEU A 590 6.94 12.45 -4.07
CA LEU A 590 7.31 13.74 -3.51
C LEU A 590 6.24 14.79 -3.80
N ALA A 591 5.69 14.78 -5.01
CA ALA A 591 4.63 15.72 -5.36
C ALA A 591 3.40 15.48 -4.51
N ILE A 592 3.04 14.21 -4.28
CA ILE A 592 1.87 13.90 -3.45
C ILE A 592 2.11 14.35 -2.02
N LEU A 593 3.32 14.15 -1.50
CA LEU A 593 3.64 14.59 -0.15
C LEU A 593 3.49 16.10 -0.02
N VAL A 594 4.06 16.85 -0.97
CA VAL A 594 3.98 18.30 -0.88
C VAL A 594 2.54 18.76 -1.05
N ILE A 595 1.76 18.08 -1.90
CA ILE A 595 0.37 18.45 -2.11
C ILE A 595 -0.44 18.24 -0.84
N PHE A 596 -0.24 17.09 -0.18
CA PHE A 596 -0.96 16.82 1.05
C PHE A 596 -0.57 17.79 2.14
N TRP A 597 0.73 18.10 2.25
CA TRP A 597 1.17 19.03 3.28
C TRP A 597 0.59 20.43 3.04
N ARG A 598 0.58 20.87 1.78
CA ARG A 598 0.04 22.20 1.49
C ARG A 598 -1.47 22.25 1.75
N HIS A 599 -2.21 21.26 1.27
CA HIS A 599 -3.66 21.20 1.47
C HIS A 599 -3.96 20.22 2.60
N PHE A 600 -3.79 20.70 3.83
CA PHE A 600 -4.11 19.93 5.02
C PHE A 600 -5.40 20.48 5.63
N GLN A 601 -5.76 19.96 6.79
CA GLN A 601 -6.99 20.30 7.52
C GLN A 601 -8.20 20.37 6.59
N THR A 602 -8.18 19.56 5.53
CA THR A 602 -9.22 19.44 4.55
C THR A 602 -9.89 18.08 4.65
N PRO A 603 -11.16 17.96 4.27
CA PRO A 603 -11.86 16.68 4.46
C PRO A 603 -11.20 15.52 3.74
N ILE A 604 -10.54 15.77 2.61
CA ILE A 604 -10.01 14.68 1.80
C ILE A 604 -8.87 13.97 2.53
N VAL A 605 -7.91 14.73 3.06
CA VAL A 605 -6.75 14.11 3.69
C VAL A 605 -7.15 13.47 5.02
N ARG A 606 -8.04 14.12 5.77
CA ARG A 606 -8.53 13.52 7.00
C ARG A 606 -9.32 12.25 6.73
N SER A 607 -10.00 12.19 5.58
CA SER A 607 -10.73 10.98 5.20
C SER A 607 -9.83 9.95 4.52
N ALA A 608 -8.62 10.33 4.14
CA ALA A 608 -7.68 9.39 3.55
C ALA A 608 -6.87 8.64 4.59
N GLY A 609 -6.92 9.06 5.85
CA GLY A 609 -6.17 8.44 6.92
C GLY A 609 -5.40 9.40 7.80
N GLY A 610 -5.29 10.67 7.42
CA GLY A 610 -4.54 11.63 8.19
C GLY A 610 -3.06 11.32 8.22
N PRO A 611 -2.49 11.27 9.42
CA PRO A 611 -1.04 11.00 9.54
C PRO A 611 -0.63 9.63 9.03
N MET A 612 -1.56 8.69 8.94
CA MET A 612 -1.23 7.39 8.36
C MET A 612 -0.80 7.53 6.90
N CYS A 613 -1.42 8.45 6.17
CA CYS A 613 -1.01 8.70 4.80
C CYS A 613 0.43 9.16 4.73
N PHE A 614 0.82 10.09 5.62
CA PHE A 614 2.22 10.51 5.65
C PHE A 614 3.13 9.36 6.05
N LEU A 615 2.70 8.55 7.02
CA LEU A 615 3.49 7.41 7.47
C LEU A 615 3.81 6.48 6.30
N MET A 616 2.81 6.17 5.49
CA MET A 616 3.06 5.30 4.34
C MET A 616 3.79 6.03 3.22
N LEU A 617 3.57 7.34 3.07
CA LEU A 617 4.15 8.06 1.95
C LEU A 617 5.66 8.24 2.11
N THR A 618 6.12 8.60 3.31
CA THR A 618 7.57 8.72 3.49
C THR A 618 8.24 7.35 3.40
N LEU A 619 7.57 6.29 3.84
CA LEU A 619 8.12 4.96 3.68
C LEU A 619 8.23 4.60 2.20
N LEU A 620 7.23 5.00 1.40
CA LEU A 620 7.32 4.85 -0.04
C LEU A 620 8.48 5.64 -0.61
N LEU A 621 8.70 6.84 -0.10
CA LEU A 621 9.83 7.66 -0.55
C LEU A 621 11.15 6.94 -0.31
N VAL A 622 11.34 6.43 0.90
CA VAL A 622 12.61 5.76 1.20
C VAL A 622 12.73 4.46 0.41
N ALA A 623 11.60 3.80 0.12
CA ALA A 623 11.66 2.60 -0.71
C ALA A 623 12.09 2.93 -2.12
N TYR A 624 11.59 4.04 -2.67
CA TYR A 624 12.01 4.46 -4.01
C TYR A 624 13.45 4.92 -4.02
N MET A 625 13.94 5.51 -2.93
CA MET A 625 15.29 6.05 -2.91
C MET A 625 16.35 4.96 -2.97
N VAL A 626 16.08 3.80 -2.38
CA VAL A 626 17.09 2.74 -2.27
C VAL A 626 16.96 1.75 -3.41
N VAL A 627 16.14 2.07 -4.42
CA VAL A 627 16.06 1.22 -5.60
C VAL A 627 17.40 1.05 -6.29
N PRO A 628 18.19 2.11 -6.52
CA PRO A 628 19.51 1.89 -7.15
C PRO A 628 20.43 0.99 -6.35
N VAL A 629 20.25 0.88 -5.04
CA VAL A 629 21.06 -0.03 -4.24
C VAL A 629 20.84 -1.48 -4.67
N TYR A 630 19.64 -1.80 -5.15
CA TYR A 630 19.38 -3.13 -5.68
C TYR A 630 20.33 -3.47 -6.82
N VAL A 631 20.59 -2.50 -7.69
CA VAL A 631 21.28 -2.76 -8.95
C VAL A 631 22.77 -2.51 -8.77
N GLY A 632 23.59 -3.44 -9.26
CA GLY A 632 25.02 -3.30 -9.21
C GLY A 632 25.70 -4.58 -8.76
N PRO A 633 26.96 -4.47 -8.36
CA PRO A 633 27.68 -5.64 -7.86
C PRO A 633 26.99 -6.20 -6.62
N PRO A 634 26.96 -7.52 -6.46
CA PRO A 634 26.36 -8.10 -5.26
C PRO A 634 27.09 -7.64 -4.01
N LYS A 635 26.32 -7.41 -2.94
CA LYS A 635 26.88 -6.99 -1.67
C LYS A 635 25.95 -7.48 -0.57
N VAL A 636 26.53 -7.84 0.58
CA VAL A 636 25.72 -8.33 1.69
C VAL A 636 24.77 -7.24 2.16
N SER A 637 25.16 -5.97 2.04
CA SER A 637 24.25 -4.89 2.35
C SER A 637 23.05 -4.90 1.40
N THR A 638 23.30 -5.08 0.10
CA THR A 638 22.20 -5.12 -0.85
C THR A 638 21.30 -6.32 -0.60
N CYS A 639 21.89 -7.50 -0.39
CA CYS A 639 21.10 -8.71 -0.17
C CYS A 639 20.28 -8.61 1.11
N LEU A 640 20.82 -7.96 2.15
CA LEU A 640 20.06 -7.74 3.36
C LEU A 640 18.93 -6.74 3.14
N CYS A 641 19.23 -5.64 2.42
CA CYS A 641 18.22 -4.62 2.15
C CYS A 641 17.11 -5.15 1.24
N ARG A 642 17.37 -6.22 0.49
CA ARG A 642 16.37 -6.75 -0.42
C ARG A 642 15.06 -7.03 0.29
N GLN A 643 15.12 -7.78 1.40
CA GLN A 643 13.93 -8.09 2.18
C GLN A 643 13.74 -7.16 3.37
N ALA A 644 14.70 -6.27 3.64
CA ALA A 644 14.59 -5.40 4.81
C ALA A 644 13.63 -4.25 4.58
N LEU A 645 13.56 -3.71 3.37
CA LEU A 645 12.81 -2.49 3.14
C LEU A 645 11.68 -2.63 2.13
N PHE A 646 11.90 -3.30 0.99
CA PHE A 646 10.85 -3.36 -0.02
C PHE A 646 9.67 -4.23 0.43
N PRO A 647 9.86 -5.47 0.86
CA PRO A 647 8.72 -6.21 1.42
C PRO A 647 8.13 -5.53 2.64
N LEU A 648 8.97 -4.87 3.43
CA LEU A 648 8.46 -4.11 4.58
C LEU A 648 7.54 -3.00 4.11
N CYS A 649 7.93 -2.31 3.03
CA CYS A 649 7.05 -1.31 2.43
C CYS A 649 5.72 -1.91 2.00
N PHE A 650 5.78 -3.04 1.27
CA PHE A 650 4.54 -3.66 0.81
C PHE A 650 3.64 -3.99 2.00
N THR A 651 4.21 -4.60 3.04
CA THR A 651 3.41 -5.02 4.18
C THR A 651 2.81 -3.84 4.93
N ILE A 652 3.61 -2.80 5.18
CA ILE A 652 3.10 -1.64 5.92
C ILE A 652 2.01 -0.96 5.12
N CYS A 653 2.22 -0.78 3.81
CA CYS A 653 1.21 -0.13 2.99
C CYS A 653 -0.09 -0.92 2.96
N ILE A 654 0.01 -2.24 2.76
CA ILE A 654 -1.20 -3.06 2.71
C ILE A 654 -1.92 -3.06 4.04
N SER A 655 -1.16 -3.16 5.14
CA SER A 655 -1.79 -3.18 6.46
C SER A 655 -2.46 -1.84 6.76
N CYS A 656 -1.83 -0.73 6.38
CA CYS A 656 -2.45 0.58 6.60
C CYS A 656 -3.73 0.72 5.79
N ILE A 657 -3.72 0.27 4.54
CA ILE A 657 -4.93 0.34 3.72
C ILE A 657 -6.03 -0.52 4.32
N ALA A 658 -5.70 -1.72 4.77
CA ALA A 658 -6.69 -2.60 5.36
C ALA A 658 -7.24 -2.03 6.66
N VAL A 659 -6.38 -1.42 7.48
CA VAL A 659 -6.83 -0.82 8.72
C VAL A 659 -7.77 0.35 8.44
N ARG A 660 -7.43 1.19 7.46
CA ARG A 660 -8.33 2.27 7.09
C ARG A 660 -9.67 1.74 6.61
N SER A 661 -9.64 0.68 5.79
CA SER A 661 -10.89 0.10 5.31
C SER A 661 -11.73 -0.45 6.45
N PHE A 662 -11.09 -1.11 7.42
CA PHE A 662 -11.83 -1.61 8.57
C PHE A 662 -12.42 -0.47 9.37
N GLN A 663 -11.66 0.61 9.58
CA GLN A 663 -12.20 1.75 10.30
C GLN A 663 -13.38 2.35 9.59
N ILE A 664 -13.30 2.47 8.25
CA ILE A 664 -14.40 3.04 7.49
C ILE A 664 -15.64 2.15 7.57
N VAL A 665 -15.46 0.85 7.37
CA VAL A 665 -16.59 -0.06 7.37
C VAL A 665 -17.13 -0.29 8.77
N CYS A 666 -16.36 0.07 9.81
CA CYS A 666 -16.84 0.00 11.18
C CYS A 666 -17.56 1.28 11.59
N ALA A 667 -17.16 2.42 11.05
CA ALA A 667 -17.89 3.65 11.31
C ALA A 667 -19.20 3.69 10.55
N PHE A 668 -19.19 3.27 9.28
CA PHE A 668 -20.39 3.32 8.47
C PHE A 668 -21.36 2.18 8.80
N LYS A 669 -20.83 1.03 9.19
CA LYS A 669 -21.66 -0.14 9.46
C LYS A 669 -21.05 -0.90 10.61
N MET A 670 -21.83 -1.80 11.21
CA MET A 670 -21.44 -2.64 12.33
C MET A 670 -21.03 -1.85 13.56
N ALA A 671 -21.18 -0.52 13.54
CA ALA A 671 -21.05 0.23 14.78
C ALA A 671 -22.25 -0.02 15.68
N SER A 672 -23.41 -0.28 15.09
CA SER A 672 -24.60 -0.67 15.83
C SER A 672 -24.85 -2.17 15.79
N ARG A 673 -24.43 -2.85 14.72
CA ARG A 673 -24.54 -4.30 14.68
C ARG A 673 -23.68 -4.95 15.76
N PHE A 674 -22.48 -4.42 15.97
CA PHE A 674 -21.53 -4.94 16.95
C PHE A 674 -21.10 -3.79 17.85
N PRO A 675 -22.00 -3.30 18.72
CA PRO A 675 -21.71 -2.09 19.49
C PRO A 675 -20.59 -2.25 20.50
N ARG A 676 -20.64 -3.34 21.27
CA ARG A 676 -19.67 -3.52 22.35
C ARG A 676 -18.25 -3.64 21.81
N ALA A 677 -18.07 -4.38 20.71
CA ALA A 677 -16.73 -4.59 20.16
C ALA A 677 -16.08 -3.28 19.75
N TYR A 678 -16.87 -2.32 19.26
CA TYR A 678 -16.28 -1.04 18.86
C TYR A 678 -15.74 -0.27 20.06
N SER A 679 -16.38 -0.41 21.23
CA SER A 679 -15.85 0.25 22.43
C SER A 679 -14.46 -0.28 22.76
N TYR A 680 -14.27 -1.59 22.67
CA TYR A 680 -12.94 -2.15 22.87
C TYR A 680 -11.98 -1.69 21.80
N TRP A 681 -12.45 -1.65 20.54
CA TRP A 681 -11.56 -1.28 19.44
C TRP A 681 -11.06 0.15 19.58
N VAL A 682 -11.91 1.07 20.02
CA VAL A 682 -11.51 2.46 20.16
C VAL A 682 -10.92 2.76 21.53
N ARG A 683 -11.09 1.88 22.51
CA ARG A 683 -10.59 2.13 23.85
C ARG A 683 -9.18 1.60 24.07
N TYR A 684 -8.78 0.56 23.33
CA TYR A 684 -7.45 -0.01 23.44
C TYR A 684 -6.53 0.47 22.32
N GLN A 685 -6.86 1.58 21.67
CA GLN A 685 -6.07 2.14 20.57
C GLN A 685 -5.88 1.11 19.46
N GLY A 686 -7.00 0.59 18.98
CA GLY A 686 -7.01 -0.42 17.95
C GLY A 686 -6.30 -0.05 16.67
N PRO A 687 -6.57 1.15 16.14
CA PRO A 687 -5.85 1.56 14.92
C PRO A 687 -4.33 1.58 15.09
N TYR A 688 -3.85 1.96 16.27
CA TYR A 688 -2.42 2.05 16.53
C TYR A 688 -1.84 0.74 17.04
N VAL A 689 -2.67 -0.24 17.36
CA VAL A 689 -2.20 -1.53 17.85
C VAL A 689 -2.20 -2.58 16.75
N SER A 690 -3.25 -2.62 15.94
CA SER A 690 -3.30 -3.58 14.84
C SER A 690 -2.18 -3.32 13.83
N MET A 691 -1.79 -2.07 13.65
CA MET A 691 -0.66 -1.77 12.78
C MET A 691 0.66 -2.16 13.43
N ALA A 692 0.81 -1.87 14.72
CA ALA A 692 2.06 -2.19 15.41
C ALA A 692 2.27 -3.71 15.49
N PHE A 693 1.19 -4.45 15.69
CA PHE A 693 1.31 -5.91 15.73
C PHE A 693 1.76 -6.46 14.38
N ILE A 694 1.31 -5.85 13.28
CA ILE A 694 1.70 -6.33 11.96
C ILE A 694 3.20 -6.15 11.75
N THR A 695 3.74 -4.99 12.12
CA THR A 695 5.16 -4.75 11.97
C THR A 695 5.97 -5.72 12.82
N VAL A 696 5.56 -5.93 14.07
CA VAL A 696 6.28 -6.83 14.97
C VAL A 696 6.21 -8.26 14.44
N LEU A 697 5.03 -8.68 13.98
CA LEU A 697 4.88 -10.04 13.49
C LEU A 697 5.76 -10.29 12.27
N LYS A 698 5.82 -9.35 11.35
CA LYS A 698 6.53 -9.60 10.09
C LYS A 698 8.04 -9.60 10.31
N MET A 699 8.55 -8.67 11.12
CA MET A 699 10.00 -8.59 11.30
C MET A 699 10.56 -9.87 11.92
N VAL A 700 9.76 -10.56 12.73
CA VAL A 700 10.16 -11.88 13.22
C VAL A 700 10.19 -12.87 12.08
N ILE A 701 9.21 -12.82 11.19
CA ILE A 701 9.18 -13.71 10.04
C ILE A 701 10.37 -13.45 9.12
N VAL A 702 10.78 -12.19 9.00
CA VAL A 702 11.88 -11.85 8.09
C VAL A 702 13.20 -12.43 8.60
N VAL A 703 13.49 -12.23 9.89
CA VAL A 703 14.76 -12.71 10.42
C VAL A 703 14.81 -14.22 10.44
N ILE A 704 13.70 -14.87 10.80
CA ILE A 704 13.64 -16.33 10.77
C ILE A 704 13.65 -16.85 9.33
N GLY A 705 13.19 -16.05 8.38
CA GLY A 705 13.30 -16.45 6.98
C GLY A 705 14.73 -16.53 6.51
N MET A 706 15.54 -15.53 6.87
CA MET A 706 16.94 -15.50 6.48
C MET A 706 17.75 -16.57 7.21
N LEU A 707 17.24 -17.11 8.32
CA LEU A 707 17.98 -18.12 9.06
C LEU A 707 18.22 -19.36 8.20
N ALA A 708 17.22 -19.76 7.43
CA ALA A 708 17.35 -20.93 6.56
C ALA A 708 18.17 -20.62 5.32
N TYR A 733 15.31 -18.46 -2.98
CA TYR A 733 14.55 -17.36 -3.54
C TYR A 733 13.06 -17.65 -3.51
N ARG A 734 12.69 -18.88 -3.84
CA ARG A 734 11.28 -19.25 -3.89
C ARG A 734 10.71 -19.49 -2.50
N ASN A 735 11.37 -20.33 -1.71
CA ASN A 735 10.81 -20.75 -0.42
C ASN A 735 10.66 -19.57 0.54
N SER A 736 11.71 -18.73 0.63
CA SER A 736 11.66 -17.60 1.55
C SER A 736 10.58 -16.60 1.13
N LEU A 737 10.51 -16.31 -0.17
CA LEU A 737 9.52 -15.35 -0.64
C LEU A 737 8.10 -15.89 -0.54
N LEU A 738 7.93 -17.21 -0.51
CA LEU A 738 6.59 -17.77 -0.40
C LEU A 738 5.90 -17.32 0.88
N PHE A 739 6.62 -17.32 1.99
CA PHE A 739 6.02 -16.92 3.26
C PHE A 739 5.62 -15.44 3.23
N ASN A 740 6.49 -14.58 2.72
CA ASN A 740 6.16 -13.16 2.65
C ASN A 740 4.98 -12.90 1.72
N THR A 741 4.95 -13.56 0.57
CA THR A 741 3.83 -13.37 -0.35
C THR A 741 2.54 -13.91 0.25
N SER A 742 2.61 -15.04 0.98
CA SER A 742 1.42 -15.56 1.63
C SER A 742 0.89 -14.59 2.68
N LEU A 743 1.78 -14.02 3.50
CA LEU A 743 1.34 -13.05 4.50
C LEU A 743 0.73 -11.83 3.84
N ASP A 744 1.39 -11.30 2.81
CA ASP A 744 0.89 -10.11 2.13
C ASP A 744 -0.45 -10.39 1.46
N LEU A 745 -0.60 -11.56 0.85
CA LEU A 745 -1.86 -11.90 0.21
C LEU A 745 -2.96 -12.12 1.23
N LEU A 746 -2.63 -12.66 2.40
CA LEU A 746 -3.63 -12.79 3.46
C LEU A 746 -4.10 -11.41 3.91
N LEU A 747 -3.17 -10.47 4.08
CA LEU A 747 -3.56 -9.11 4.44
C LEU A 747 -4.42 -8.49 3.35
N SER A 748 -4.04 -8.69 2.09
CA SER A 748 -4.78 -8.11 0.97
C SER A 748 -6.19 -8.69 0.88
N VAL A 749 -6.33 -10.01 1.08
CA VAL A 749 -7.66 -10.59 1.00
C VAL A 749 -8.49 -10.20 2.23
N VAL A 750 -7.84 -9.94 3.36
CA VAL A 750 -8.58 -9.39 4.50
C VAL A 750 -9.15 -8.02 4.16
N GLY A 751 -8.31 -7.16 3.56
CA GLY A 751 -8.79 -5.87 3.13
C GLY A 751 -9.90 -5.97 2.10
N PHE A 752 -9.76 -6.89 1.16
CA PHE A 752 -10.80 -7.13 0.16
C PHE A 752 -12.10 -7.59 0.78
N SER A 753 -12.02 -8.55 1.71
CA SER A 753 -13.24 -9.07 2.32
C SER A 753 -13.90 -8.03 3.20
N PHE A 754 -13.14 -7.07 3.72
CA PHE A 754 -13.75 -6.07 4.57
C PHE A 754 -14.28 -4.88 3.80
N ALA A 755 -13.66 -4.52 2.68
CA ALA A 755 -14.21 -3.49 1.80
C ALA A 755 -15.24 -4.04 0.84
N TYR A 756 -15.41 -5.36 0.77
CA TYR A 756 -16.38 -5.97 -0.12
C TYR A 756 -17.80 -5.58 0.26
N MET A 757 -18.09 -5.50 1.56
CA MET A 757 -19.41 -5.08 2.01
C MET A 757 -19.66 -3.60 1.77
N GLY A 758 -18.64 -2.85 1.35
CA GLY A 758 -18.78 -1.42 1.18
C GLY A 758 -18.70 -0.94 -0.25
N LYS A 759 -19.34 -1.63 -1.19
CA LYS A 759 -19.42 -1.11 -2.54
C LYS A 759 -20.16 0.21 -2.59
N GLU A 760 -21.25 0.33 -1.83
CA GLU A 760 -22.15 1.46 -1.91
C GLU A 760 -21.71 2.66 -1.10
N LEU A 761 -20.57 2.57 -0.40
CA LEU A 761 -20.06 3.70 0.36
C LEU A 761 -19.69 4.85 -0.58
N PRO A 762 -19.71 6.08 -0.08
CA PRO A 762 -19.33 7.23 -0.92
C PRO A 762 -17.98 7.07 -1.58
N THR A 763 -17.75 7.80 -2.67
CA THR A 763 -16.56 7.60 -3.49
C THR A 763 -15.27 7.93 -2.74
N ASN A 764 -15.33 8.74 -1.68
CA ASN A 764 -14.15 9.07 -0.92
C ASN A 764 -13.85 8.06 0.19
N TYR A 765 -14.80 7.17 0.50
CA TYR A 765 -14.59 6.14 1.51
C TYR A 765 -14.69 4.74 0.91
N ASN A 766 -14.83 4.63 -0.41
CA ASN A 766 -14.95 3.34 -1.08
C ASN A 766 -13.67 3.10 -1.87
N GLU A 767 -12.94 2.05 -1.50
CA GLU A 767 -11.69 1.68 -2.17
C GLU A 767 -11.75 0.24 -2.66
N ALA A 768 -12.93 -0.24 -3.02
CA ALA A 768 -13.05 -1.61 -3.53
C ALA A 768 -12.29 -1.79 -4.84
N LYS A 769 -12.40 -0.82 -5.75
CA LYS A 769 -11.73 -0.93 -7.04
C LYS A 769 -10.22 -1.00 -6.87
N PHE A 770 -9.66 -0.08 -6.08
CA PHE A 770 -8.21 -0.08 -5.88
C PHE A 770 -7.76 -1.35 -5.18
N ILE A 771 -8.51 -1.81 -4.18
CA ILE A 771 -8.13 -3.02 -3.46
C ILE A 771 -8.12 -4.21 -4.40
N THR A 772 -9.16 -4.36 -5.21
CA THR A 772 -9.21 -5.49 -6.14
C THR A 772 -8.07 -5.41 -7.14
N LEU A 773 -7.82 -4.24 -7.71
CA LEU A 773 -6.76 -4.11 -8.70
C LEU A 773 -5.40 -4.43 -8.09
N SER A 774 -5.11 -3.87 -6.92
CA SER A 774 -3.81 -4.10 -6.29
C SER A 774 -3.64 -5.55 -5.87
N MET A 775 -4.69 -6.16 -5.32
CA MET A 775 -4.60 -7.56 -4.93
C MET A 775 -4.36 -8.45 -6.13
N THR A 776 -5.09 -8.21 -7.22
CA THR A 776 -4.90 -9.01 -8.42
C THR A 776 -3.50 -8.83 -8.98
N PHE A 777 -3.02 -7.58 -9.04
CA PHE A 777 -1.69 -7.32 -9.58
C PHE A 777 -0.61 -7.98 -8.73
N TYR A 778 -0.72 -7.86 -7.41
CA TYR A 778 0.26 -8.49 -6.52
C TYR A 778 0.24 -9.99 -6.68
N PHE A 779 -0.96 -10.59 -6.73
CA PHE A 779 -1.06 -12.04 -6.84
C PHE A 779 -0.46 -12.53 -8.14
N THR A 780 -0.81 -11.89 -9.27
CA THR A 780 -0.30 -12.36 -10.54
C THR A 780 1.20 -12.14 -10.68
N SER A 781 1.71 -11.00 -10.20
CA SER A 781 3.14 -10.75 -10.25
C SER A 781 3.90 -11.75 -9.39
N SER A 782 3.40 -12.02 -8.18
CA SER A 782 4.08 -12.96 -7.31
C SER A 782 4.06 -14.37 -7.89
N VAL A 783 2.92 -14.78 -8.47
CA VAL A 783 2.82 -16.12 -9.03
C VAL A 783 3.78 -16.27 -10.20
N SER A 784 3.78 -15.29 -11.12
CA SER A 784 4.66 -15.38 -12.27
C SER A 784 6.12 -15.36 -11.85
N LEU A 785 6.46 -14.51 -10.87
CA LEU A 785 7.83 -14.46 -10.37
C LEU A 785 8.25 -15.80 -9.77
N CYS A 786 7.41 -16.37 -8.90
CA CYS A 786 7.76 -17.64 -8.26
C CYS A 786 7.92 -18.74 -9.30
N THR A 787 7.08 -18.75 -10.33
CA THR A 787 7.27 -19.70 -11.42
C THR A 787 8.61 -19.46 -12.13
N PHE A 788 8.96 -18.19 -12.34
CA PHE A 788 10.16 -17.86 -13.10
C PHE A 788 11.46 -18.06 -12.32
N MET A 789 11.42 -18.16 -10.99
CA MET A 789 12.66 -18.42 -10.25
C MET A 789 13.28 -19.74 -10.66
N SER A 790 12.47 -20.79 -10.79
CA SER A 790 13.02 -22.11 -11.08
C SER A 790 13.46 -22.21 -12.54
N ALA A 791 12.51 -22.07 -13.47
CA ALA A 791 12.80 -22.28 -14.89
C ALA A 791 13.28 -20.96 -15.50
N TYR A 792 14.57 -20.67 -15.29
CA TYR A 792 15.18 -19.50 -15.88
C TYR A 792 16.70 -19.72 -15.90
N SER A 793 17.41 -18.78 -16.54
CA SER A 793 18.86 -18.87 -16.68
C SER A 793 19.60 -18.63 -15.37
N GLY A 794 19.06 -17.80 -14.48
CA GLY A 794 19.72 -17.45 -13.24
C GLY A 794 20.37 -16.08 -13.23
N VAL A 795 20.51 -15.44 -14.39
CA VAL A 795 21.03 -14.08 -14.50
C VAL A 795 19.98 -13.23 -15.17
N LEU A 796 19.91 -11.96 -14.76
CA LEU A 796 18.91 -10.97 -15.17
C LEU A 796 17.58 -11.23 -14.49
N VAL A 797 17.47 -12.39 -13.82
CA VAL A 797 16.30 -12.63 -12.98
C VAL A 797 16.25 -11.60 -11.86
N THR A 798 17.41 -11.10 -11.44
CA THR A 798 17.44 -10.02 -10.47
C THR A 798 16.74 -8.78 -11.02
N ILE A 799 17.01 -8.44 -12.29
CA ILE A 799 16.33 -7.32 -12.91
C ILE A 799 14.83 -7.58 -13.02
N VAL A 800 14.42 -8.80 -13.37
CA VAL A 800 12.99 -9.07 -13.46
C VAL A 800 12.33 -8.90 -12.09
N ASP A 801 12.95 -9.43 -11.04
CA ASP A 801 12.36 -9.30 -9.70
C ASP A 801 12.32 -7.84 -9.25
N LEU A 802 13.39 -7.09 -9.53
CA LEU A 802 13.40 -5.67 -9.18
C LEU A 802 12.31 -4.91 -9.91
N LEU A 803 12.12 -5.22 -11.19
CA LEU A 803 11.06 -4.57 -11.96
C LEU A 803 9.69 -4.92 -11.39
N VAL A 804 9.50 -6.17 -10.99
CA VAL A 804 8.21 -6.57 -10.41
C VAL A 804 7.95 -5.79 -9.13
N THR A 805 8.96 -5.72 -8.25
CA THR A 805 8.77 -5.01 -6.98
C THR A 805 8.53 -3.52 -7.21
N VAL A 806 9.27 -2.92 -8.14
CA VAL A 806 9.11 -1.49 -8.40
C VAL A 806 7.74 -1.21 -9.00
N LEU A 807 7.26 -2.07 -9.89
CA LEU A 807 5.92 -1.90 -10.44
C LEU A 807 4.86 -2.06 -9.36
N ASN A 808 5.07 -3.00 -8.43
CA ASN A 808 4.14 -3.13 -7.31
C ASN A 808 4.10 -1.85 -6.48
N LEU A 809 5.27 -1.28 -6.19
CA LEU A 809 5.31 -0.02 -5.46
C LEU A 809 4.61 1.10 -6.23
N LEU A 810 4.87 1.18 -7.54
CA LEU A 810 4.26 2.24 -8.35
C LEU A 810 2.75 2.12 -8.34
N ALA A 811 2.23 0.90 -8.50
CA ALA A 811 0.78 0.72 -8.46
C ALA A 811 0.22 1.06 -7.09
N ILE A 812 0.87 0.57 -6.03
CA ILE A 812 0.31 0.71 -4.69
C ILE A 812 0.40 2.16 -4.23
N SER A 813 1.23 2.96 -4.88
CA SER A 813 1.25 4.39 -4.58
C SER A 813 0.26 5.15 -5.45
N LEU A 814 0.30 4.92 -6.77
CA LEU A 814 -0.53 5.71 -7.68
C LEU A 814 -2.01 5.40 -7.50
N GLY A 815 -2.38 4.12 -7.52
CA GLY A 815 -3.79 3.78 -7.45
C GLY A 815 -4.47 4.22 -6.17
N TYR A 816 -3.69 4.55 -5.14
CA TYR A 816 -4.27 5.02 -3.89
C TYR A 816 -4.12 6.51 -3.67
N PHE A 817 -3.13 7.17 -4.27
CA PHE A 817 -2.94 8.58 -4.00
C PHE A 817 -3.24 9.49 -5.19
N GLY A 818 -3.05 9.04 -6.42
CA GLY A 818 -3.27 9.84 -7.58
C GLY A 818 -4.70 10.36 -7.72
N PRO A 819 -5.69 9.48 -7.55
CA PRO A 819 -7.08 9.96 -7.61
C PRO A 819 -7.39 11.06 -6.59
N LYS A 820 -6.84 10.94 -5.38
CA LYS A 820 -7.12 11.94 -4.34
C LYS A 820 -6.58 13.30 -4.72
N CYS A 821 -5.30 13.36 -5.10
CA CYS A 821 -4.73 14.64 -5.49
C CYS A 821 -5.33 15.16 -6.79
N TYR A 822 -5.77 14.27 -7.68
CA TYR A 822 -6.52 14.71 -8.84
C TYR A 822 -7.79 15.42 -8.41
N MET A 823 -8.52 14.85 -7.46
CA MET A 823 -9.74 15.48 -6.98
C MET A 823 -9.47 16.83 -6.32
N ILE A 824 -8.42 16.90 -5.50
CA ILE A 824 -8.22 18.11 -4.69
C ILE A 824 -7.40 19.18 -5.38
N LEU A 825 -6.81 18.89 -6.54
CA LEU A 825 -6.15 19.93 -7.32
C LEU A 825 -7.02 20.45 -8.46
N PHE A 826 -7.76 19.58 -9.13
CA PHE A 826 -8.55 19.98 -10.28
C PHE A 826 -10.01 20.26 -9.93
N TYR A 827 -10.47 19.79 -8.78
CA TYR A 827 -11.85 20.01 -8.34
C TYR A 827 -11.84 20.52 -6.90
N PRO A 828 -11.38 21.75 -6.68
CA PRO A 828 -11.39 22.30 -5.31
C PRO A 828 -12.80 22.41 -4.74
N GLU A 829 -13.79 22.62 -5.60
CA GLU A 829 -15.18 22.64 -5.14
C GLU A 829 -15.57 21.33 -4.47
N ARG A 830 -14.98 20.22 -4.92
CA ARG A 830 -15.27 18.91 -4.36
C ARG A 830 -14.57 18.67 -3.03
N ASN A 831 -13.67 19.56 -2.62
CA ASN A 831 -12.96 19.46 -1.35
C ASN A 831 -13.45 20.58 -0.43
N THR A 832 -14.52 20.31 0.32
CA THR A 832 -15.13 21.27 1.21
C THR A 832 -15.86 20.51 2.29
N PRO A 833 -15.76 20.92 3.56
CA PRO A 833 -16.51 20.24 4.62
C PRO A 833 -18.01 20.20 4.36
N ALA A 834 -18.57 21.27 3.78
CA ALA A 834 -19.98 21.24 3.42
C ALA A 834 -20.27 20.15 2.41
N TYR A 835 -19.39 19.98 1.42
CA TYR A 835 -19.59 18.92 0.43
C TYR A 835 -19.51 17.55 1.08
N PHE A 836 -18.58 17.34 2.00
CA PHE A 836 -18.47 16.05 2.68
C PHE A 836 -19.72 15.77 3.50
N ASN A 837 -20.21 16.78 4.22
CA ASN A 837 -21.45 16.63 4.96
C ASN A 837 -22.59 16.23 4.03
N SER A 838 -22.72 16.93 2.90
CA SER A 838 -23.81 16.64 1.98
C SER A 838 -23.68 15.25 1.39
N MET A 839 -22.46 14.82 1.08
CA MET A 839 -22.25 13.51 0.46
C MET A 839 -22.60 12.39 1.43
N ILE A 840 -22.12 12.48 2.68
CA ILE A 840 -22.44 11.45 3.65
C ILE A 840 -23.93 11.46 3.95
N GLN A 841 -24.53 12.65 4.06
CA GLN A 841 -25.96 12.75 4.32
C GLN A 841 -26.78 12.14 3.19
N GLY A 842 -26.36 12.37 1.94
CA GLY A 842 -27.04 11.77 0.81
C GLY A 842 -26.89 10.26 0.78
N TYR A 843 -25.73 9.75 1.20
CA TYR A 843 -25.56 8.30 1.26
C TYR A 843 -26.46 7.68 2.32
N THR A 844 -26.43 8.23 3.54
CA THR A 844 -27.09 7.57 4.66
C THR A 844 -28.61 7.51 4.47
N MET A 845 -29.23 8.66 4.18
CA MET A 845 -30.68 8.73 4.01
C MET A 845 -30.94 8.75 2.51
N ARG A 846 -31.03 7.56 1.93
CA ARG A 846 -31.31 7.43 0.51
C ARG A 846 -32.79 7.52 0.24
N ARG A 847 -33.14 8.10 -0.91
CA ARG A 847 -34.54 8.17 -1.32
C ARG A 847 -35.12 6.80 -1.64
N ASP A 848 -34.26 5.80 -1.85
CA ASP A 848 -34.68 4.42 -2.08
C ASP A 848 -35.59 4.29 -3.31
#